data_1Q31
#
_entry.id   1Q31
#
_cell.length_a   146.587
_cell.length_b   41.544
_cell.length_c   96.063
_cell.angle_alpha   90.00
_cell.angle_beta   108.95
_cell.angle_gamma   90.00
#
_symmetry.space_group_name_H-M   'C 1 2 1'
#
loop_
_entity.id
_entity.type
_entity.pdbx_description
1 polymer 'Nuclear inclusion protein A'
2 non-polymer BETA-MERCAPTOETHANOL
3 water water
#
_entity_poly.entity_id   1
_entity_poly.type   'polypeptide(L)'
_entity_poly.pdbx_seq_one_letter_code
;GESLFKGPRDYNPISSTICHLTNESDGHTTSLYGIGFGPFIITNKHLFRRNNGTLLVQSLHGVFKVKNTTTLQQHLIDGR
DMIIIRMPKDFPPFPQKLKFREPQREERICLVTTNFQTKSMSSMVSDTSCTFPSSDGIFWKHWIQTKDGQAGSPLVSTRD
GFIVGIHSASNFTNTNNYFTSVPKNFMELLTNQEAQQWVSGWRLNADSVLWGGHKVFMSKPEEPFQPVKEATQLMNELVY
SQ
;
_entity_poly.pdbx_strand_id   A,B
#
# COMPACT_ATOMS: atom_id res chain seq x y z
N LEU A 4 -5.10 20.78 -41.32
CA LEU A 4 -3.62 20.63 -41.51
C LEU A 4 -2.86 20.37 -40.21
N PHE A 5 -1.87 19.49 -40.28
CA PHE A 5 -1.07 19.18 -39.11
C PHE A 5 -0.65 20.48 -38.44
N LYS A 6 -0.57 20.46 -37.11
CA LYS A 6 -0.23 21.66 -36.35
C LYS A 6 1.20 22.14 -36.55
N GLY A 7 1.35 23.46 -36.60
CA GLY A 7 2.64 24.09 -36.78
C GLY A 7 3.70 23.86 -35.70
N PRO A 8 4.79 24.63 -35.75
CA PRO A 8 5.87 24.50 -34.76
C PRO A 8 5.36 24.67 -33.36
N ARG A 9 5.71 23.72 -32.51
CA ARG A 9 5.33 23.70 -31.09
C ARG A 9 6.63 23.65 -30.27
N ASP A 10 6.71 24.45 -29.21
CA ASP A 10 7.88 24.48 -28.34
C ASP A 10 7.78 23.48 -27.17
N TYR A 11 8.61 22.44 -27.19
CA TYR A 11 8.57 21.44 -26.12
C TYR A 11 9.64 21.61 -25.05
N ASN A 12 10.45 22.66 -25.15
CA ASN A 12 11.48 22.84 -24.15
C ASN A 12 10.89 23.07 -22.76
N PRO A 13 9.74 23.75 -22.64
CA PRO A 13 9.21 23.93 -21.29
C PRO A 13 8.89 22.60 -20.65
N ILE A 14 8.41 21.66 -21.46
CA ILE A 14 8.06 20.34 -20.95
C ILE A 14 9.30 19.51 -20.67
N SER A 15 10.26 19.51 -21.58
CA SER A 15 11.42 18.67 -21.33
C SER A 15 12.30 19.19 -20.21
N SER A 16 12.47 20.51 -20.10
CA SER A 16 13.33 21.04 -19.06
C SER A 16 12.97 20.43 -17.69
N THR A 17 11.71 20.03 -17.52
CA THR A 17 11.26 19.43 -16.26
C THR A 17 11.53 17.91 -16.15
N ILE A 18 12.01 17.30 -17.23
CA ILE A 18 12.29 15.86 -17.22
C ILE A 18 13.54 15.55 -16.40
N CYS A 19 13.45 14.51 -15.59
CA CYS A 19 14.55 14.10 -14.72
C CYS A 19 14.87 12.67 -15.00
N HIS A 20 16.11 12.27 -14.71
CA HIS A 20 16.47 10.88 -14.89
C HIS A 20 16.60 10.31 -13.48
N LEU A 21 15.95 9.19 -13.20
CA LEU A 21 16.02 8.64 -11.85
C LEU A 21 16.69 7.29 -11.81
N THR A 22 17.43 7.03 -10.74
CA THR A 22 18.14 5.77 -10.58
C THR A 22 18.04 5.32 -9.13
N ASN A 23 17.35 4.20 -8.90
CA ASN A 23 17.20 3.65 -7.56
C ASN A 23 18.14 2.47 -7.37
N GLU A 24 19.01 2.58 -6.36
CA GLU A 24 19.97 1.54 -6.10
C GLU A 24 19.77 0.93 -4.72
N SER A 25 18.96 -0.12 -4.66
CA SER A 25 18.68 -0.80 -3.41
C SER A 25 19.21 -2.22 -3.50
N ASP A 26 19.47 -2.79 -2.32
CA ASP A 26 19.95 -4.16 -2.16
C ASP A 26 20.62 -4.80 -3.38
N GLY A 27 21.65 -4.14 -3.91
CA GLY A 27 22.35 -4.71 -5.04
C GLY A 27 21.97 -4.25 -6.44
N HIS A 28 20.82 -4.69 -6.95
CA HIS A 28 20.37 -4.30 -8.29
C HIS A 28 19.94 -2.80 -8.40
N THR A 29 19.58 -2.36 -9.60
CA THR A 29 19.17 -0.97 -9.76
C THR A 29 18.19 -0.71 -10.89
N THR A 30 17.22 0.13 -10.60
CA THR A 30 16.19 0.52 -11.56
C THR A 30 16.38 1.99 -11.88
N SER A 31 16.28 2.35 -13.14
CA SER A 31 16.43 3.73 -13.55
C SER A 31 15.52 3.99 -14.75
N LEU A 32 14.91 5.17 -14.74
CA LEU A 32 13.99 5.60 -15.78
C LEU A 32 13.80 7.10 -15.58
N TYR A 33 12.75 7.65 -16.20
CA TYR A 33 12.49 9.09 -16.12
C TYR A 33 11.32 9.47 -15.22
N GLY A 34 11.13 10.78 -15.10
CA GLY A 34 10.06 11.28 -14.28
C GLY A 34 9.86 12.70 -14.72
N ILE A 35 8.69 13.25 -14.46
CA ILE A 35 8.37 14.60 -14.83
C ILE A 35 8.36 15.41 -13.54
N GLY A 36 9.12 16.49 -13.48
CA GLY A 36 9.12 17.28 -12.26
C GLY A 36 8.05 18.34 -12.25
N PHE A 37 7.35 18.48 -11.14
CA PHE A 37 6.29 19.49 -11.03
C PHE A 37 6.21 19.99 -9.60
N GLY A 38 6.49 21.28 -9.39
CA GLY A 38 6.47 21.85 -8.06
C GLY A 38 7.49 21.12 -7.22
N PRO A 39 7.11 20.65 -6.02
CA PRO A 39 7.99 19.92 -5.11
C PRO A 39 7.98 18.43 -5.40
N PHE A 40 7.33 18.03 -6.49
CA PHE A 40 7.20 16.62 -6.85
C PHE A 40 7.87 16.15 -8.13
N ILE A 41 8.11 14.85 -8.21
CA ILE A 41 8.61 14.23 -9.44
C ILE A 41 7.50 13.18 -9.73
N ILE A 42 6.89 13.22 -10.91
CA ILE A 42 5.86 12.25 -11.30
C ILE A 42 6.53 11.12 -12.12
N THR A 43 6.52 9.88 -11.64
CA THR A 43 7.19 8.86 -12.40
C THR A 43 6.46 7.53 -12.44
N ASN A 44 7.20 6.46 -12.65
CA ASN A 44 6.60 5.14 -12.77
C ASN A 44 6.59 4.30 -11.50
N LYS A 45 5.39 4.08 -10.98
CA LYS A 45 5.24 3.27 -9.79
C LYS A 45 6.21 2.07 -9.77
N HIS A 46 6.73 1.67 -10.93
CA HIS A 46 7.63 0.54 -10.93
C HIS A 46 9.09 0.86 -10.69
N LEU A 47 9.34 2.09 -10.26
CA LEU A 47 10.68 2.58 -9.94
C LEU A 47 11.08 1.91 -8.61
N PHE A 48 10.06 1.52 -7.84
CA PHE A 48 10.25 0.93 -6.54
C PHE A 48 10.09 -0.57 -6.48
N ARG A 49 10.61 -1.26 -7.48
CA ARG A 49 10.57 -2.73 -7.51
C ARG A 49 11.25 -3.17 -6.19
N ARG A 50 12.12 -2.28 -5.69
CA ARG A 50 12.84 -2.45 -4.43
C ARG A 50 12.85 -1.03 -3.89
N ASN A 51 12.98 -0.87 -2.58
CA ASN A 51 12.97 0.46 -1.98
C ASN A 51 13.78 0.46 -0.69
N ASN A 52 15.08 0.20 -0.82
CA ASN A 52 15.95 0.17 0.34
C ASN A 52 17.34 0.69 0.01
N GLY A 53 17.43 1.89 -0.57
CA GLY A 53 18.73 2.43 -0.90
C GLY A 53 18.81 3.92 -1.19
N THR A 54 19.39 4.23 -2.35
CA THR A 54 19.58 5.61 -2.78
C THR A 54 18.90 5.96 -4.08
N LEU A 55 18.44 7.20 -4.18
CA LEU A 55 17.78 7.66 -5.39
C LEU A 55 18.59 8.78 -6.01
N LEU A 56 19.03 8.54 -7.24
CA LEU A 56 19.83 9.50 -7.96
C LEU A 56 18.99 10.30 -8.95
N VAL A 57 18.64 11.52 -8.57
CA VAL A 57 17.84 12.40 -9.43
C VAL A 57 18.78 13.22 -10.31
N GLN A 58 18.41 13.42 -11.57
CA GLN A 58 19.28 14.17 -12.45
C GLN A 58 18.48 15.18 -13.30
N SER A 59 18.31 16.38 -12.77
CA SER A 59 17.58 17.46 -13.46
C SER A 59 18.52 18.39 -14.18
N LEU A 60 18.00 19.45 -14.78
CA LEU A 60 18.88 20.38 -15.48
C LEU A 60 19.67 21.18 -14.44
N HIS A 61 19.23 21.09 -13.19
CA HIS A 61 19.89 21.77 -12.06
C HIS A 61 21.17 21.01 -11.66
N GLY A 62 21.28 19.77 -12.15
CA GLY A 62 22.44 18.97 -11.80
C GLY A 62 22.07 17.59 -11.30
N VAL A 63 22.81 17.11 -10.31
CA VAL A 63 22.55 15.79 -9.77
C VAL A 63 22.40 15.83 -8.26
N PHE A 64 21.21 15.49 -7.81
CA PHE A 64 20.87 15.44 -6.40
C PHE A 64 20.88 13.95 -6.11
N LYS A 65 21.06 13.56 -4.86
CA LYS A 65 21.04 12.15 -4.49
C LYS A 65 20.33 12.00 -3.17
N VAL A 66 19.42 11.03 -3.10
CA VAL A 66 18.71 10.80 -1.88
C VAL A 66 19.36 9.63 -1.17
N LYS A 67 19.96 9.92 -0.02
CA LYS A 67 20.68 8.94 0.77
C LYS A 67 19.81 7.79 1.30
N ASN A 68 18.51 8.03 1.47
CA ASN A 68 17.62 7.00 1.96
C ASN A 68 16.23 7.01 1.34
N THR A 69 15.99 6.14 0.36
CA THR A 69 14.70 6.06 -0.33
C THR A 69 13.49 5.98 0.60
N THR A 70 13.58 5.10 1.58
CA THR A 70 12.52 4.86 2.55
C THR A 70 11.94 6.12 3.20
N THR A 71 12.65 7.23 3.09
CA THR A 71 12.16 8.46 3.70
C THR A 71 11.29 9.25 2.72
N LEU A 72 11.36 8.86 1.46
CA LEU A 72 10.60 9.56 0.42
C LEU A 72 9.09 9.38 0.50
N GLN A 73 8.42 10.50 0.75
CA GLN A 73 6.97 10.57 0.85
C GLN A 73 6.43 10.24 -0.52
N GLN A 74 5.64 9.19 -0.61
CA GLN A 74 5.13 8.76 -1.90
C GLN A 74 3.65 8.56 -1.90
N HIS A 75 3.00 9.00 -2.97
CA HIS A 75 1.56 8.85 -3.14
C HIS A 75 1.26 7.98 -4.36
N LEU A 76 0.65 6.83 -4.11
CA LEU A 76 0.30 5.90 -5.17
C LEU A 76 -1.00 6.25 -5.89
N ILE A 77 -1.00 6.02 -7.21
CA ILE A 77 -2.14 6.23 -8.07
C ILE A 77 -2.83 4.87 -8.28
N ASP A 78 -4.02 4.68 -7.74
CA ASP A 78 -4.68 3.40 -7.88
C ASP A 78 -4.92 2.87 -9.28
N GLY A 79 -4.63 1.58 -9.44
CA GLY A 79 -4.80 0.90 -10.71
C GLY A 79 -3.88 1.32 -11.84
N ARG A 80 -2.87 2.14 -11.54
CA ARG A 80 -1.96 2.60 -12.57
C ARG A 80 -0.50 2.43 -12.22
N ASP A 81 0.34 2.25 -13.23
CA ASP A 81 1.76 2.13 -12.96
C ASP A 81 2.31 3.54 -12.81
N MET A 82 1.62 4.36 -12.01
CA MET A 82 2.02 5.74 -11.78
C MET A 82 2.18 6.00 -10.30
N ILE A 83 2.95 7.02 -9.95
CA ILE A 83 3.17 7.38 -8.55
C ILE A 83 3.73 8.78 -8.41
N ILE A 84 3.53 9.40 -7.25
CA ILE A 84 4.06 10.73 -7.08
C ILE A 84 5.05 10.69 -5.95
N ILE A 85 6.16 11.41 -6.12
CA ILE A 85 7.20 11.50 -5.12
C ILE A 85 7.35 12.92 -4.63
N ARG A 86 7.35 13.11 -3.32
CA ARG A 86 7.55 14.43 -2.75
C ARG A 86 9.03 14.44 -2.42
N MET A 87 9.81 15.21 -3.19
CA MET A 87 11.25 15.28 -2.95
C MET A 87 11.56 15.93 -1.60
N PRO A 88 12.74 15.64 -1.02
CA PRO A 88 13.16 16.19 0.27
C PRO A 88 12.89 17.70 0.38
N LYS A 89 12.95 18.25 1.60
CA LYS A 89 12.70 19.67 1.81
C LYS A 89 13.84 20.58 1.36
N ASP A 90 15.04 20.01 1.22
CA ASP A 90 16.19 20.79 0.75
C ASP A 90 16.45 20.42 -0.72
N PHE A 91 15.38 20.42 -1.50
CA PHE A 91 15.46 20.07 -2.92
C PHE A 91 14.84 21.16 -3.76
N PRO A 92 15.61 21.68 -4.74
CA PRO A 92 15.17 22.75 -5.65
C PRO A 92 13.96 22.40 -6.48
N PRO A 93 12.80 23.00 -6.15
CA PRO A 93 11.53 22.77 -6.84
C PRO A 93 11.63 22.86 -8.37
N PHE A 94 10.51 22.58 -9.01
CA PHE A 94 10.40 22.66 -10.44
C PHE A 94 9.28 23.65 -10.57
N PRO A 95 9.15 24.30 -11.72
CA PRO A 95 8.06 25.27 -11.91
C PRO A 95 6.73 24.57 -11.76
N GLN A 96 5.65 25.23 -12.18
CA GLN A 96 4.32 24.65 -12.10
C GLN A 96 3.46 25.12 -13.26
N LYS A 97 3.99 25.04 -14.49
CA LYS A 97 3.23 25.50 -15.64
C LYS A 97 2.71 24.33 -16.49
N LEU A 98 3.34 23.16 -16.37
CA LEU A 98 2.88 22.01 -17.12
C LEU A 98 1.39 21.82 -16.95
N LYS A 99 0.73 21.35 -18.00
CA LYS A 99 -0.70 21.10 -17.94
C LYS A 99 -0.95 19.64 -18.31
N PHE A 100 -1.72 18.94 -17.50
CA PHE A 100 -2.00 17.52 -17.74
C PHE A 100 -3.47 17.36 -18.04
N ARG A 101 -3.84 16.23 -18.62
CA ARG A 101 -5.25 15.98 -18.92
C ARG A 101 -5.39 14.57 -19.46
N GLU A 102 -6.59 14.02 -19.45
CA GLU A 102 -6.78 12.67 -19.98
C GLU A 102 -6.72 12.70 -21.50
N PRO A 103 -6.21 11.64 -22.11
CA PRO A 103 -6.05 11.48 -23.56
C PRO A 103 -7.34 11.21 -24.31
N GLN A 104 -7.78 12.18 -25.12
CA GLN A 104 -9.01 12.05 -25.92
C GLN A 104 -8.79 11.07 -27.09
N ARG A 105 -9.70 10.12 -27.24
CA ARG A 105 -9.62 9.11 -28.29
C ARG A 105 -9.12 9.60 -29.66
N GLU A 106 -8.27 8.76 -30.25
CA GLU A 106 -7.69 9.01 -31.57
C GLU A 106 -6.75 10.21 -31.79
N GLU A 107 -6.45 10.99 -30.76
CA GLU A 107 -5.57 12.15 -30.96
C GLU A 107 -4.11 11.84 -31.25
N ARG A 108 -3.38 12.87 -31.66
CA ARG A 108 -1.95 12.76 -32.00
C ARG A 108 -1.05 13.08 -30.81
N ILE A 109 -0.03 12.25 -30.61
CA ILE A 109 0.89 12.44 -29.49
C ILE A 109 2.34 12.19 -29.90
N CYS A 110 3.28 12.79 -29.17
CA CYS A 110 4.70 12.58 -29.44
C CYS A 110 5.42 12.35 -28.14
N LEU A 111 6.45 11.50 -28.16
CA LEU A 111 7.23 11.23 -26.95
C LEU A 111 8.29 12.33 -26.84
N VAL A 112 8.40 12.97 -25.67
CA VAL A 112 9.37 14.05 -25.46
C VAL A 112 10.38 13.62 -24.40
N THR A 113 11.66 13.90 -24.63
CA THR A 113 12.73 13.52 -23.69
C THR A 113 13.69 14.67 -23.51
N THR A 114 14.88 14.34 -23.02
CA THR A 114 15.93 15.33 -22.79
C THR A 114 17.23 14.57 -23.00
N ASN A 115 18.29 15.27 -23.43
CA ASN A 115 19.57 14.58 -23.60
C ASN A 115 20.35 14.80 -22.33
N PHE A 116 20.82 13.71 -21.74
CA PHE A 116 21.54 13.77 -20.46
C PHE A 116 22.97 13.25 -20.41
N GLN A 117 23.52 12.90 -21.58
CA GLN A 117 24.89 12.41 -21.60
C GLN A 117 25.79 13.62 -21.42
N THR A 118 25.14 14.76 -21.25
CA THR A 118 25.78 16.07 -21.10
C THR A 118 26.47 16.41 -22.40
N LYS A 119 27.30 17.45 -22.36
CA LYS A 119 28.01 18.00 -23.53
C LYS A 119 27.04 19.13 -23.88
N SER A 120 25.88 19.04 -23.22
CA SER A 120 24.73 19.93 -23.39
C SER A 120 23.49 19.26 -22.76
N MET A 121 22.41 20.03 -22.61
CA MET A 121 21.10 19.57 -22.09
C MET A 121 20.20 19.68 -23.33
N SER A 122 19.08 18.95 -23.48
CA SER A 122 18.35 19.17 -24.74
C SER A 122 17.01 18.52 -25.08
N SER A 123 16.08 19.30 -25.63
CA SER A 123 14.82 18.70 -26.04
C SER A 123 15.13 17.62 -27.06
N MET A 124 14.17 16.72 -27.22
CA MET A 124 14.24 15.63 -28.15
C MET A 124 12.78 15.24 -28.27
N VAL A 125 12.22 15.47 -29.45
CA VAL A 125 10.85 15.12 -29.67
C VAL A 125 10.80 14.01 -30.70
N SER A 126 9.98 12.99 -30.45
CA SER A 126 9.82 11.86 -31.34
C SER A 126 8.87 12.21 -32.46
N ASP A 127 8.54 11.21 -33.27
CA ASP A 127 7.62 11.37 -34.39
C ASP A 127 6.19 11.29 -33.85
N THR A 128 5.23 11.85 -34.58
CA THR A 128 3.82 11.83 -34.15
C THR A 128 3.17 10.43 -34.31
N SER A 129 2.22 10.08 -33.45
CA SER A 129 1.56 8.78 -33.51
C SER A 129 0.14 8.78 -32.98
N CYS A 130 -0.72 7.97 -33.59
CA CYS A 130 -2.13 7.88 -33.19
C CYS A 130 -2.15 7.10 -31.89
N THR A 131 -3.24 7.25 -31.13
CA THR A 131 -3.35 6.48 -29.90
C THR A 131 -4.79 6.14 -29.57
N PHE A 132 -4.94 4.88 -29.15
CA PHE A 132 -6.23 4.32 -28.76
C PHE A 132 -6.00 3.62 -27.42
N PRO A 133 -7.07 3.48 -26.62
CA PRO A 133 -7.00 2.82 -25.31
C PRO A 133 -6.58 1.36 -25.32
N SER A 134 -7.00 0.67 -24.27
CA SER A 134 -6.70 -0.74 -24.05
C SER A 134 -7.34 -1.09 -22.70
N SER A 135 -8.58 -1.58 -22.75
CA SER A 135 -9.34 -1.92 -21.56
C SER A 135 -9.88 -0.63 -20.92
N ASP A 136 -9.94 -0.61 -19.59
CA ASP A 136 -10.44 0.54 -18.82
C ASP A 136 -9.94 1.93 -19.27
N GLY A 137 -8.78 1.95 -19.92
CA GLY A 137 -8.21 3.22 -20.35
C GLY A 137 -6.97 3.50 -19.54
N ILE A 138 -6.53 2.47 -18.81
CA ILE A 138 -5.34 2.56 -17.99
C ILE A 138 -4.16 2.77 -18.92
N PHE A 139 -3.78 1.70 -19.62
CA PHE A 139 -2.68 1.80 -20.59
C PHE A 139 -3.30 2.25 -21.91
N TRP A 140 -2.46 2.85 -22.75
CA TRP A 140 -2.88 3.29 -24.07
C TRP A 140 -1.80 2.88 -25.04
N LYS A 141 -2.21 2.71 -26.29
CA LYS A 141 -1.31 2.25 -27.31
C LYS A 141 -0.75 3.38 -28.16
N HIS A 142 0.54 3.24 -28.51
CA HIS A 142 1.25 4.19 -29.37
C HIS A 142 2.39 3.42 -30.07
N TRP A 143 2.84 3.90 -31.22
CA TRP A 143 3.90 3.20 -31.95
C TRP A 143 5.13 4.03 -32.20
N ILE A 144 5.55 4.72 -31.15
CA ILE A 144 6.74 5.55 -31.15
C ILE A 144 7.79 4.63 -30.54
N GLN A 145 8.91 4.41 -31.21
CA GLN A 145 9.92 3.51 -30.66
C GLN A 145 10.40 3.98 -29.30
N THR A 146 10.41 3.08 -28.33
CA THR A 146 10.87 3.43 -26.98
C THR A 146 11.82 2.34 -26.52
N LYS A 147 12.87 2.72 -25.80
CA LYS A 147 13.81 1.72 -25.34
C LYS A 147 13.78 1.56 -23.84
N ASP A 148 14.20 0.40 -23.36
CA ASP A 148 14.20 0.16 -21.92
C ASP A 148 14.84 1.36 -21.22
N GLY A 149 14.36 1.70 -20.03
CA GLY A 149 14.90 2.82 -19.31
C GLY A 149 14.22 4.12 -19.71
N GLN A 150 13.38 4.07 -20.75
CA GLN A 150 12.68 5.27 -21.23
C GLN A 150 11.27 5.47 -20.69
N ALA A 151 10.85 4.61 -19.77
CA ALA A 151 9.54 4.72 -19.15
C ALA A 151 9.57 6.02 -18.35
N GLY A 152 8.41 6.59 -18.09
CA GLY A 152 8.36 7.81 -17.33
C GLY A 152 8.45 9.05 -18.17
N SER A 153 8.64 8.84 -19.47
CA SER A 153 8.77 9.95 -20.42
C SER A 153 7.35 10.39 -20.74
N PRO A 154 7.19 11.69 -20.97
CA PRO A 154 5.88 12.25 -21.28
C PRO A 154 5.38 12.04 -22.68
N LEU A 155 4.09 11.81 -22.82
CA LEU A 155 3.51 11.69 -24.14
C LEU A 155 2.68 12.96 -24.21
N VAL A 156 3.02 13.79 -25.19
CA VAL A 156 2.42 15.11 -25.36
C VAL A 156 1.49 15.26 -26.55
N SER A 157 0.31 15.79 -26.25
CA SER A 157 -0.70 16.05 -27.23
C SER A 157 -0.25 17.13 -28.18
N THR A 158 -0.15 16.75 -29.46
CA THR A 158 0.28 17.64 -30.53
C THR A 158 -0.77 18.72 -30.72
N ARG A 159 -1.98 18.37 -30.31
CA ARG A 159 -3.14 19.25 -30.39
C ARG A 159 -3.02 20.49 -29.49
N ASP A 160 -2.96 20.28 -28.18
CA ASP A 160 -2.88 21.38 -27.22
C ASP A 160 -1.56 21.53 -26.46
N GLY A 161 -0.76 20.47 -26.41
CA GLY A 161 0.52 20.57 -25.72
C GLY A 161 0.52 20.04 -24.28
N PHE A 162 -0.56 19.39 -23.91
CA PHE A 162 -0.69 18.81 -22.59
C PHE A 162 0.03 17.45 -22.56
N ILE A 163 0.34 16.98 -21.36
CA ILE A 163 0.97 15.69 -21.20
C ILE A 163 -0.26 14.84 -20.97
N VAL A 164 -0.38 13.71 -21.67
CA VAL A 164 -1.57 12.86 -21.49
C VAL A 164 -1.22 11.49 -20.97
N GLY A 165 -0.04 11.34 -20.39
CA GLY A 165 0.32 10.03 -19.88
C GLY A 165 1.81 9.84 -19.95
N ILE A 166 2.34 8.84 -19.25
CA ILE A 166 3.77 8.60 -19.24
C ILE A 166 4.03 7.22 -19.76
N HIS A 167 4.99 7.13 -20.69
CA HIS A 167 5.35 5.85 -21.29
C HIS A 167 5.67 4.85 -20.18
N SER A 168 5.10 3.64 -20.26
CA SER A 168 5.28 2.64 -19.22
C SER A 168 5.81 1.26 -19.61
N ALA A 169 5.05 0.57 -20.47
CA ALA A 169 5.45 -0.78 -20.82
C ALA A 169 5.47 -1.02 -22.31
N SER A 170 5.99 -2.20 -22.66
CA SER A 170 6.08 -2.63 -24.05
C SER A 170 5.76 -4.11 -24.09
N ASN A 171 5.21 -4.58 -25.20
CA ASN A 171 4.91 -6.00 -25.33
C ASN A 171 6.28 -6.68 -25.45
N PHE A 172 6.31 -8.00 -25.48
CA PHE A 172 7.56 -8.74 -25.53
C PHE A 172 8.42 -8.71 -26.81
N THR A 173 7.81 -8.65 -27.99
CA THR A 173 8.59 -8.59 -29.23
C THR A 173 9.09 -7.15 -29.40
N ASN A 174 8.48 -6.23 -28.64
CA ASN A 174 8.82 -4.82 -28.71
C ASN A 174 8.23 -4.18 -29.95
N THR A 175 6.97 -4.51 -30.29
CA THR A 175 6.34 -3.93 -31.46
C THR A 175 5.01 -3.25 -31.14
N ASN A 176 4.71 -3.16 -29.84
CA ASN A 176 3.53 -2.49 -29.32
C ASN A 176 3.98 -1.77 -28.08
N ASN A 177 3.65 -0.49 -27.96
CA ASN A 177 4.06 0.23 -26.78
C ASN A 177 2.87 0.85 -26.07
N TYR A 178 2.90 0.79 -24.74
CA TYR A 178 1.82 1.31 -23.92
C TYR A 178 2.24 2.30 -22.85
N PHE A 179 1.43 3.33 -22.66
CA PHE A 179 1.74 4.31 -21.66
C PHE A 179 0.61 4.48 -20.64
N THR A 180 0.96 4.70 -19.39
CA THR A 180 -0.08 4.92 -18.39
C THR A 180 -0.66 6.29 -18.64
N SER A 181 -1.98 6.35 -18.73
CA SER A 181 -2.68 7.60 -18.99
C SER A 181 -2.74 8.52 -17.77
N VAL A 182 -2.95 9.80 -18.01
CA VAL A 182 -3.11 10.73 -16.91
C VAL A 182 -4.44 10.28 -16.33
N PRO A 183 -4.63 10.47 -15.01
CA PRO A 183 -5.90 10.05 -14.42
C PRO A 183 -6.80 11.26 -14.31
N LYS A 184 -8.09 11.02 -14.17
CA LYS A 184 -9.04 12.12 -14.07
C LYS A 184 -8.71 13.02 -12.87
N ASN A 185 -8.95 14.32 -13.03
CA ASN A 185 -8.69 15.29 -11.96
C ASN A 185 -7.26 15.21 -11.44
N PHE A 186 -6.33 14.84 -12.31
CA PHE A 186 -4.94 14.73 -11.91
C PHE A 186 -4.36 16.08 -11.48
N MET A 187 -4.64 17.11 -12.26
CA MET A 187 -4.15 18.44 -11.96
C MET A 187 -4.59 18.85 -10.55
N GLU A 188 -5.87 18.62 -10.27
CA GLU A 188 -6.44 18.95 -8.96
C GLU A 188 -5.56 18.33 -7.87
N LEU A 189 -5.26 17.06 -8.09
CA LEU A 189 -4.43 16.28 -7.18
C LEU A 189 -3.04 16.86 -6.92
N LEU A 190 -2.53 17.64 -7.87
CA LEU A 190 -1.19 18.21 -7.75
C LEU A 190 -1.10 19.53 -6.99
N THR A 191 -2.22 20.23 -6.88
CA THR A 191 -2.24 21.50 -6.15
C THR A 191 -2.90 21.40 -4.78
N ASN A 192 -4.01 20.66 -4.69
CA ASN A 192 -4.71 20.50 -3.41
C ASN A 192 -4.09 19.40 -2.53
N GLN A 193 -3.19 19.77 -1.65
CA GLN A 193 -2.55 18.80 -0.75
C GLN A 193 -3.56 18.19 0.24
N GLU A 194 -4.62 17.60 -0.29
CA GLU A 194 -5.66 17.00 0.53
C GLU A 194 -6.01 15.65 -0.07
N ALA A 195 -6.14 15.61 -1.39
CA ALA A 195 -6.46 14.38 -2.09
C ALA A 195 -5.18 13.53 -2.15
N GLN A 196 -4.10 14.12 -1.66
CA GLN A 196 -2.81 13.46 -1.62
C GLN A 196 -2.84 12.54 -0.39
N GLN A 197 -2.58 11.26 -0.61
CA GLN A 197 -2.59 10.30 0.48
C GLN A 197 -1.17 9.72 0.61
N TRP A 198 -0.28 10.47 1.26
CA TRP A 198 1.09 10.06 1.43
C TRP A 198 1.35 8.85 2.32
N VAL A 199 2.41 8.13 1.97
CA VAL A 199 2.91 6.96 2.71
C VAL A 199 4.39 7.00 2.34
N SER A 200 5.19 6.10 2.91
CA SER A 200 6.59 6.08 2.59
C SER A 200 7.14 4.69 2.79
N GLY A 201 8.16 4.35 2.00
CA GLY A 201 8.78 3.06 2.08
C GLY A 201 8.04 2.01 1.28
N TRP A 202 7.00 2.44 0.59
CA TRP A 202 6.27 1.49 -0.20
C TRP A 202 7.16 0.95 -1.31
N ARG A 203 6.84 -0.25 -1.77
CA ARG A 203 7.57 -0.92 -2.82
C ARG A 203 6.63 -1.94 -3.45
N LEU A 204 7.01 -2.48 -4.59
CA LEU A 204 6.22 -3.52 -5.21
C LEU A 204 7.10 -4.73 -4.93
N ASN A 205 6.68 -5.67 -4.10
CA ASN A 205 7.57 -6.81 -3.89
C ASN A 205 7.01 -8.09 -4.51
N ALA A 206 6.84 -7.98 -5.82
CA ALA A 206 6.35 -9.05 -6.66
C ALA A 206 7.17 -8.86 -7.92
N ASP A 207 7.29 -9.89 -8.75
CA ASP A 207 8.04 -9.63 -9.97
C ASP A 207 7.08 -9.61 -11.16
N SER A 208 5.86 -9.15 -10.87
CA SER A 208 4.80 -9.02 -11.85
C SER A 208 3.56 -8.45 -11.17
N VAL A 209 2.66 -7.84 -11.93
CA VAL A 209 1.45 -7.24 -11.39
C VAL A 209 0.43 -6.96 -12.47
N LEU A 210 -0.85 -6.98 -12.10
CA LEU A 210 -1.93 -6.74 -13.04
C LEU A 210 -2.39 -5.28 -13.05
N TRP A 211 -2.34 -4.66 -14.23
CA TRP A 211 -2.76 -3.27 -14.40
C TRP A 211 -3.64 -3.11 -15.62
N GLY A 212 -4.51 -2.11 -15.59
CA GLY A 212 -5.41 -1.84 -16.70
C GLY A 212 -5.76 -2.97 -17.65
N GLY A 213 -5.74 -4.21 -17.14
CA GLY A 213 -6.07 -5.33 -17.97
C GLY A 213 -4.93 -6.26 -18.34
N HIS A 214 -3.70 -5.78 -18.38
CA HIS A 214 -2.61 -6.66 -18.76
C HIS A 214 -1.71 -7.07 -17.61
N LYS A 215 -0.95 -8.15 -17.84
CA LYS A 215 -0.02 -8.62 -16.83
C LYS A 215 1.26 -7.86 -17.16
N VAL A 216 1.96 -7.41 -16.12
CA VAL A 216 3.18 -6.64 -16.28
C VAL A 216 4.32 -7.25 -15.49
N PHE A 217 5.43 -7.53 -16.17
CA PHE A 217 6.61 -8.11 -15.53
C PHE A 217 7.60 -6.97 -15.43
N MET A 218 8.32 -6.88 -14.31
CA MET A 218 9.28 -5.79 -14.17
C MET A 218 10.42 -5.91 -15.17
N SER A 219 10.40 -6.97 -15.98
CA SER A 219 11.42 -7.17 -17.00
C SER A 219 11.06 -8.26 -18.00
N LYS A 220 11.59 -8.16 -19.21
CA LYS A 220 11.33 -9.14 -20.24
C LYS A 220 11.88 -10.48 -19.74
N PRO A 221 11.10 -11.58 -19.89
CA PRO A 221 11.52 -12.93 -19.46
C PRO A 221 12.80 -13.51 -20.18
N GLU A 222 13.06 -14.81 -20.06
CA GLU A 222 14.25 -15.38 -20.71
C GLU A 222 14.42 -15.00 -22.17
N MET A 235 -8.03 -12.15 -22.41
CA MET A 235 -7.78 -10.72 -22.35
C MET A 235 -6.55 -10.32 -23.18
N ASN A 236 -6.04 -9.12 -22.93
CA ASN A 236 -4.88 -8.51 -23.63
C ASN A 236 -3.48 -9.15 -23.50
N GLU A 237 -2.55 -8.69 -24.32
CA GLU A 237 -1.21 -9.24 -24.34
C GLU A 237 -0.25 -8.87 -23.21
N LEU A 238 0.60 -9.82 -22.85
CA LEU A 238 1.58 -9.61 -21.80
C LEU A 238 2.42 -8.38 -22.18
N VAL A 239 3.07 -7.79 -21.17
CA VAL A 239 3.92 -6.62 -21.38
C VAL A 239 4.95 -6.56 -20.26
N TYR A 240 6.01 -5.78 -20.47
CA TYR A 240 7.04 -5.60 -19.46
C TYR A 240 7.29 -4.11 -19.34
N SER A 241 7.67 -3.69 -18.14
CA SER A 241 7.94 -2.29 -17.86
C SER A 241 9.30 -1.89 -18.39
N GLN A 242 9.36 -0.78 -19.09
CA GLN A 242 10.64 -0.33 -19.62
C GLN A 242 11.22 0.72 -18.69
N LEU B 4 -13.96 -36.22 25.59
CA LEU B 4 -14.45 -35.25 26.61
C LEU B 4 -13.84 -33.86 26.46
N PHE B 5 -14.67 -32.84 26.69
CA PHE B 5 -14.19 -31.46 26.58
C PHE B 5 -12.87 -31.33 27.33
N LYS B 6 -11.98 -30.49 26.83
CA LYS B 6 -10.68 -30.33 27.45
C LYS B 6 -10.70 -29.66 28.83
N GLY B 7 -9.79 -30.13 29.68
CA GLY B 7 -9.67 -29.64 31.04
C GLY B 7 -9.26 -28.18 31.20
N PRO B 8 -8.96 -27.77 32.43
CA PRO B 8 -8.55 -26.38 32.69
C PRO B 8 -7.36 -25.99 31.86
N ARG B 9 -7.47 -24.85 31.19
CA ARG B 9 -6.44 -24.28 30.33
C ARG B 9 -6.11 -22.88 30.87
N ASP B 10 -4.84 -22.54 30.96
CA ASP B 10 -4.42 -21.23 31.47
C ASP B 10 -4.23 -20.21 30.32
N TYR B 11 -5.11 -19.20 30.27
CA TYR B 11 -5.02 -18.19 29.21
C TYR B 11 -4.32 -16.90 29.61
N ASN B 12 -3.81 -16.85 30.83
CA ASN B 12 -3.16 -15.63 31.27
C ASN B 12 -1.94 -15.31 30.42
N PRO B 13 -1.20 -16.33 29.95
CA PRO B 13 -0.04 -16.00 29.12
C PRO B 13 -0.47 -15.29 27.85
N ILE B 14 -1.62 -15.68 27.30
CA ILE B 14 -2.13 -15.07 26.10
C ILE B 14 -2.70 -13.70 26.40
N SER B 15 -3.54 -13.59 27.43
CA SER B 15 -4.10 -12.27 27.67
C SER B 15 -3.09 -11.22 28.11
N SER B 16 -2.13 -11.61 28.94
CA SER B 16 -1.15 -10.63 29.40
C SER B 16 -0.59 -9.80 28.25
N THR B 17 -0.53 -10.40 27.06
CA THR B 17 0.00 -9.72 25.86
C THR B 17 -1.02 -8.81 25.14
N ILE B 18 -2.29 -8.87 25.55
CA ILE B 18 -3.32 -8.06 24.93
C ILE B 18 -3.17 -6.58 25.27
N CYS B 19 -3.29 -5.72 24.28
CA CYS B 19 -3.16 -4.28 24.46
C CYS B 19 -4.42 -3.61 23.99
N HIS B 20 -4.66 -2.40 24.46
CA HIS B 20 -5.83 -1.70 24.00
C HIS B 20 -5.26 -0.54 23.21
N LEU B 21 -5.73 -0.34 21.98
CA LEU B 21 -5.19 0.74 21.16
C LEU B 21 -6.23 1.81 20.85
N THR B 22 -5.79 3.05 20.78
CA THR B 22 -6.67 4.16 20.49
C THR B 22 -5.97 5.13 19.54
N ASN B 23 -6.48 5.24 18.33
CA ASN B 23 -5.90 6.15 17.33
C ASN B 23 -6.74 7.41 17.25
N GLU B 24 -6.11 8.57 17.49
CA GLU B 24 -6.81 9.83 17.46
C GLU B 24 -6.24 10.76 16.40
N SER B 25 -6.79 10.67 15.20
CA SER B 25 -6.35 11.50 14.09
C SER B 25 -7.47 12.43 13.69
N ASP B 26 -7.08 13.52 13.04
CA ASP B 26 -7.99 14.55 12.54
C ASP B 26 -9.40 14.59 13.15
N GLY B 27 -9.48 14.67 14.47
CA GLY B 27 -10.78 14.73 15.11
C GLY B 27 -11.37 13.45 15.67
N HIS B 28 -11.83 12.55 14.81
CA HIS B 28 -12.41 11.29 15.29
C HIS B 28 -11.37 10.29 15.82
N THR B 29 -11.86 9.21 16.43
CA THR B 29 -10.96 8.21 17.00
C THR B 29 -11.42 6.76 16.93
N THR B 30 -10.48 5.88 16.58
CA THR B 30 -10.72 4.46 16.48
C THR B 30 -9.95 3.80 17.60
N SER B 31 -10.56 2.81 18.23
CA SER B 31 -9.90 2.10 19.30
C SER B 31 -10.39 0.67 19.33
N LEU B 32 -9.46 -0.23 19.54
CA LEU B 32 -9.72 -1.66 19.60
C LEU B 32 -8.52 -2.32 20.26
N TYR B 33 -8.41 -3.64 20.12
CA TYR B 33 -7.33 -4.39 20.74
C TYR B 33 -6.24 -4.83 19.76
N GLY B 34 -5.22 -5.47 20.31
CA GLY B 34 -4.11 -5.96 19.53
C GLY B 34 -3.41 -6.97 20.40
N ILE B 35 -2.64 -7.84 19.77
CA ILE B 35 -1.91 -8.88 20.47
C ILE B 35 -0.47 -8.49 20.36
N GLY B 36 0.22 -8.37 21.49
CA GLY B 36 1.61 -7.96 21.43
C GLY B 36 2.54 -9.16 21.27
N PHE B 37 3.53 -9.05 20.41
CA PHE B 37 4.48 -10.14 20.22
C PHE B 37 5.83 -9.58 19.84
N GLY B 38 6.83 -9.82 20.68
CA GLY B 38 8.15 -9.31 20.42
C GLY B 38 8.06 -7.78 20.40
N PRO B 39 8.61 -7.14 19.36
CA PRO B 39 8.60 -5.69 19.19
C PRO B 39 7.36 -5.25 18.44
N PHE B 40 6.43 -6.17 18.22
CA PHE B 40 5.23 -5.86 17.47
C PHE B 40 3.91 -5.98 18.18
N ILE B 41 2.92 -5.28 17.64
CA ILE B 41 1.55 -5.37 18.13
C ILE B 41 0.76 -5.84 16.90
N ILE B 42 0.10 -6.99 16.97
CA ILE B 42 -0.70 -7.51 15.86
C ILE B 42 -2.17 -7.04 16.03
N THR B 43 -2.67 -6.22 15.12
CA THR B 43 -4.04 -5.78 15.31
C THR B 43 -4.88 -5.77 14.03
N ASN B 44 -5.90 -4.91 14.02
CA ASN B 44 -6.81 -4.82 12.90
C ASN B 44 -6.48 -3.73 11.92
N LYS B 45 -6.09 -4.16 10.72
CA LYS B 45 -5.79 -3.24 9.65
C LYS B 45 -6.75 -2.03 9.64
N HIS B 46 -7.95 -2.20 10.22
CA HIS B 46 -8.88 -1.08 10.21
C HIS B 46 -8.73 -0.06 11.32
N LEU B 47 -7.60 -0.15 12.02
CA LEU B 47 -7.28 0.75 13.11
C LEU B 47 -6.89 2.07 12.45
N PHE B 48 -6.44 1.96 11.21
CA PHE B 48 -5.97 3.12 10.46
C PHE B 48 -6.97 3.70 9.45
N ARG B 49 -8.24 3.77 9.84
CA ARG B 49 -9.27 4.35 8.98
C ARG B 49 -8.75 5.76 8.67
N ARG B 50 -7.94 6.27 9.59
CA ARG B 50 -7.29 7.57 9.49
C ARG B 50 -5.90 7.28 10.08
N ASN B 51 -4.89 8.07 9.73
CA ASN B 51 -3.53 7.86 10.23
C ASN B 51 -2.78 9.18 10.25
N ASN B 52 -3.25 10.10 11.07
CA ASN B 52 -2.59 11.39 11.15
C ASN B 52 -2.68 11.95 12.57
N GLY B 53 -2.28 11.16 13.57
CA GLY B 53 -2.34 11.64 14.94
C GLY B 53 -1.50 10.86 15.95
N THR B 54 -2.17 10.48 17.04
CA THR B 54 -1.55 9.76 18.15
C THR B 54 -2.10 8.39 18.41
N LEU B 55 -1.22 7.48 18.82
CA LEU B 55 -1.66 6.13 19.14
C LEU B 55 -1.43 5.85 20.61
N LEU B 56 -2.52 5.54 21.31
CA LEU B 56 -2.46 5.27 22.73
C LEU B 56 -2.47 3.77 23.01
N VAL B 57 -1.29 3.22 23.29
CA VAL B 57 -1.18 1.80 23.59
C VAL B 57 -1.37 1.59 25.09
N GLN B 58 -2.06 0.52 25.49
CA GLN B 58 -2.28 0.29 26.90
C GLN B 58 -2.03 -1.18 27.26
N SER B 59 -0.81 -1.52 27.63
CA SER B 59 -0.45 -2.90 27.99
C SER B 59 -0.47 -3.04 29.51
N LEU B 60 -0.05 -4.20 30.02
CA LEU B 60 -0.03 -4.38 31.47
C LEU B 60 1.12 -3.56 32.06
N HIS B 61 2.01 -3.11 31.19
CA HIS B 61 3.16 -2.31 31.56
C HIS B 61 2.71 -0.89 31.86
N GLY B 62 1.48 -0.58 31.46
CA GLY B 62 0.96 0.76 31.65
C GLY B 62 0.43 1.41 30.36
N VAL B 63 0.69 2.69 30.18
CA VAL B 63 0.20 3.40 29.01
C VAL B 63 1.30 4.18 28.28
N PHE B 64 1.59 3.76 27.07
CA PHE B 64 2.58 4.37 26.22
C PHE B 64 1.74 5.18 25.23
N LYS B 65 2.31 6.21 24.63
CA LYS B 65 1.58 7.01 23.67
C LYS B 65 2.51 7.35 22.52
N VAL B 66 2.02 7.18 21.29
CA VAL B 66 2.85 7.48 20.15
C VAL B 66 2.42 8.85 19.65
N LYS B 67 3.33 9.81 19.77
CA LYS B 67 3.05 11.17 19.38
C LYS B 67 2.77 11.36 17.88
N ASN B 68 3.24 10.45 17.04
CA ASN B 68 3.01 10.58 15.59
C ASN B 68 2.82 9.26 14.87
N THR B 69 1.57 8.86 14.64
CA THR B 69 1.26 7.61 13.97
C THR B 69 2.02 7.36 12.67
N THR B 70 2.09 8.39 11.84
CA THR B 70 2.75 8.30 10.54
C THR B 70 4.16 7.75 10.58
N THR B 71 4.77 7.70 11.75
CA THR B 71 6.13 7.18 11.87
C THR B 71 6.12 5.68 12.12
N LEU B 72 4.97 5.14 12.46
CA LEU B 72 4.89 3.73 12.77
C LEU B 72 5.07 2.81 11.59
N GLN B 73 6.14 2.03 11.64
CA GLN B 73 6.45 1.05 10.62
C GLN B 73 5.33 0.03 10.65
N GLN B 74 4.64 -0.13 9.52
CA GLN B 74 3.52 -1.06 9.45
C GLN B 74 3.62 -2.02 8.28
N HIS B 75 3.26 -3.27 8.51
CA HIS B 75 3.30 -4.29 7.49
C HIS B 75 1.89 -4.86 7.26
N LEU B 76 1.36 -4.64 6.06
CA LEU B 76 0.04 -5.11 5.73
C LEU B 76 -0.03 -6.57 5.33
N ILE B 77 -1.11 -7.23 5.74
CA ILE B 77 -1.38 -8.62 5.42
C ILE B 77 -2.38 -8.64 4.25
N ASP B 78 -1.95 -9.08 3.08
CA ASP B 78 -2.83 -9.08 1.92
C ASP B 78 -4.14 -9.84 2.02
N GLY B 79 -5.21 -9.16 1.57
CA GLY B 79 -6.54 -9.74 1.58
C GLY B 79 -7.16 -9.94 2.93
N ARG B 80 -6.54 -9.42 3.99
CA ARG B 80 -7.07 -9.58 5.35
C ARG B 80 -7.16 -8.27 6.13
N ASP B 81 -8.14 -8.20 7.02
CA ASP B 81 -8.26 -7.00 7.84
C ASP B 81 -7.25 -7.12 8.97
N MET B 82 -6.02 -7.52 8.63
CA MET B 82 -4.97 -7.70 9.62
C MET B 82 -3.75 -6.87 9.26
N ILE B 83 -2.95 -6.51 10.26
CA ILE B 83 -1.77 -5.71 10.02
C ILE B 83 -0.80 -5.87 11.16
N ILE B 84 0.47 -5.56 10.92
CA ILE B 84 1.46 -5.66 11.97
C ILE B 84 2.08 -4.30 12.18
N ILE B 85 2.26 -3.95 13.45
CA ILE B 85 2.87 -2.69 13.82
C ILE B 85 4.18 -2.92 14.53
N ARG B 86 5.21 -2.19 14.11
CA ARG B 86 6.53 -2.29 14.75
C ARG B 86 6.54 -1.08 15.66
N MET B 87 6.39 -1.32 16.95
CA MET B 87 6.40 -0.22 17.93
C MET B 87 7.76 0.51 17.96
N PRO B 88 7.76 1.78 18.37
CA PRO B 88 8.97 2.59 18.46
C PRO B 88 10.15 1.82 19.08
N LYS B 89 11.37 2.34 18.93
CA LYS B 89 12.56 1.68 19.48
C LYS B 89 12.68 1.82 21.00
N ASP B 90 12.03 2.83 21.58
CA ASP B 90 12.05 3.02 23.02
C ASP B 90 10.72 2.50 23.59
N PHE B 91 10.35 1.29 23.18
CA PHE B 91 9.10 0.67 23.62
C PHE B 91 9.36 -0.71 24.17
N PRO B 92 8.92 -0.98 25.40
CA PRO B 92 9.09 -2.25 26.08
C PRO B 92 8.47 -3.44 25.35
N PRO B 93 9.30 -4.30 24.77
CA PRO B 93 8.87 -5.49 24.04
C PRO B 93 7.87 -6.35 24.79
N PHE B 94 7.41 -7.39 24.11
CA PHE B 94 6.47 -8.31 24.71
C PHE B 94 7.24 -9.58 24.54
N PRO B 95 6.89 -10.61 25.29
CA PRO B 95 7.59 -11.90 25.18
C PRO B 95 7.42 -12.43 23.75
N GLN B 96 7.75 -13.71 23.55
CA GLN B 96 7.61 -14.35 22.24
C GLN B 96 7.28 -15.81 22.42
N LYS B 97 6.28 -16.11 23.24
CA LYS B 97 5.92 -17.50 23.45
C LYS B 97 4.62 -17.86 22.77
N LEU B 98 3.79 -16.86 22.48
CA LEU B 98 2.51 -17.14 21.82
C LEU B 98 2.73 -17.97 20.58
N LYS B 99 1.79 -18.88 20.31
CA LYS B 99 1.88 -19.72 19.13
C LYS B 99 0.63 -19.46 18.26
N PHE B 100 0.83 -19.22 16.97
CA PHE B 100 -0.28 -18.96 16.04
C PHE B 100 -0.36 -20.10 15.04
N ARG B 101 -1.49 -20.20 14.36
CA ARG B 101 -1.69 -21.22 13.36
C ARG B 101 -3.03 -21.04 12.70
N GLU B 102 -3.21 -21.64 11.52
CA GLU B 102 -4.48 -21.50 10.82
C GLU B 102 -5.53 -22.37 11.53
N PRO B 103 -6.78 -21.91 11.54
CA PRO B 103 -7.93 -22.58 12.17
C PRO B 103 -8.46 -23.81 11.42
N GLN B 104 -8.27 -24.99 12.00
CA GLN B 104 -8.73 -26.24 11.39
C GLN B 104 -10.25 -26.35 11.48
N ARG B 105 -10.88 -26.68 10.35
CA ARG B 105 -12.33 -26.78 10.25
C ARG B 105 -13.02 -27.44 11.45
N GLU B 106 -14.16 -26.87 11.81
CA GLU B 106 -14.99 -27.34 12.91
C GLU B 106 -14.46 -27.32 14.35
N GLU B 107 -13.24 -26.83 14.58
CA GLU B 107 -12.72 -26.83 15.95
C GLU B 107 -13.37 -25.85 16.92
N ARG B 108 -13.03 -26.02 18.20
CA ARG B 108 -13.58 -25.19 19.28
C ARG B 108 -12.66 -24.02 19.60
N ILE B 109 -13.25 -22.84 19.74
CA ILE B 109 -12.51 -21.63 20.06
C ILE B 109 -13.19 -20.75 21.11
N CYS B 110 -12.41 -19.94 21.82
CA CYS B 110 -12.97 -19.02 22.81
C CYS B 110 -12.33 -17.67 22.63
N LEU B 111 -13.10 -16.61 22.88
CA LEU B 111 -12.57 -15.25 22.77
C LEU B 111 -11.90 -14.92 24.13
N VAL B 112 -10.67 -14.43 24.08
CA VAL B 112 -9.90 -14.08 25.27
C VAL B 112 -9.58 -12.60 25.31
N THR B 113 -9.86 -11.98 26.43
CA THR B 113 -9.56 -10.55 26.51
C THR B 113 -8.81 -10.23 27.85
N THR B 114 -8.48 -8.96 28.06
CA THR B 114 -7.75 -8.64 29.26
C THR B 114 -8.44 -7.68 30.17
N ASN B 115 -8.33 -7.98 31.45
CA ASN B 115 -8.92 -7.16 32.52
C ASN B 115 -7.77 -6.30 33.09
N PHE B 116 -6.59 -6.50 32.51
CA PHE B 116 -5.38 -5.80 32.92
C PHE B 116 -5.19 -6.19 34.38
N GLN B 117 -4.12 -5.74 35.02
CA GLN B 117 -3.89 -6.13 36.43
C GLN B 117 -3.14 -7.48 36.55
N THR B 118 -1.87 -7.45 36.97
CA THR B 118 -1.06 -8.65 37.16
C THR B 118 -1.01 -9.69 36.02
N LYS B 119 0.22 -9.90 35.50
CA LYS B 119 0.53 -10.82 34.40
C LYS B 119 -0.13 -12.21 34.43
N SER B 120 0.10 -12.93 35.52
CA SER B 120 -0.40 -14.29 35.66
C SER B 120 -1.86 -14.49 36.04
N MET B 121 -2.62 -13.42 36.26
CA MET B 121 -4.02 -13.59 36.58
C MET B 121 -4.89 -12.46 36.06
N SER B 122 -4.54 -12.02 34.86
CA SER B 122 -5.26 -10.95 34.12
C SER B 122 -5.97 -11.70 33.00
N SER B 123 -7.29 -11.89 33.09
CA SER B 123 -7.93 -12.66 32.06
C SER B 123 -9.43 -12.56 32.06
N MET B 124 -10.01 -12.95 30.93
CA MET B 124 -11.44 -12.96 30.73
C MET B 124 -11.57 -13.86 29.54
N VAL B 125 -12.13 -15.03 29.77
CA VAL B 125 -12.31 -15.97 28.70
C VAL B 125 -13.81 -16.14 28.47
N SER B 126 -14.21 -16.10 27.20
CA SER B 126 -15.61 -16.26 26.79
C SER B 126 -15.99 -17.71 26.79
N ASP B 127 -17.19 -17.99 26.32
CA ASP B 127 -17.73 -19.35 26.22
C ASP B 127 -17.17 -20.01 24.94
N THR B 128 -17.15 -21.34 24.88
CA THR B 128 -16.64 -22.06 23.70
C THR B 128 -17.62 -22.00 22.52
N SER B 129 -17.10 -22.01 21.29
CA SER B 129 -17.95 -21.93 20.10
C SER B 129 -17.35 -22.62 18.86
N CYS B 130 -18.20 -23.25 18.04
CA CYS B 130 -17.79 -23.96 16.83
C CYS B 130 -17.44 -22.89 15.82
N THR B 131 -16.60 -23.22 14.86
CA THR B 131 -16.25 -22.26 13.82
C THR B 131 -16.05 -22.91 12.47
N PHE B 132 -16.60 -22.25 11.46
CA PHE B 132 -16.54 -22.68 10.07
C PHE B 132 -16.12 -21.45 9.26
N PRO B 133 -15.50 -21.66 8.10
CA PRO B 133 -15.06 -20.56 7.24
C PRO B 133 -16.14 -19.65 6.71
N SER B 134 -15.83 -19.03 5.58
CA SER B 134 -16.71 -18.11 4.87
C SER B 134 -15.90 -17.62 3.66
N SER B 135 -16.10 -18.28 2.52
CA SER B 135 -15.37 -17.99 1.28
C SER B 135 -13.94 -18.54 1.37
N ASP B 136 -12.99 -17.77 0.82
CA ASP B 136 -11.58 -18.18 0.80
C ASP B 136 -11.01 -18.68 2.14
N GLY B 137 -11.62 -18.28 3.24
CA GLY B 137 -11.13 -18.68 4.54
C GLY B 137 -10.55 -17.47 5.24
N ILE B 138 -10.82 -16.30 4.66
CA ILE B 138 -10.37 -15.04 5.20
C ILE B 138 -11.07 -14.87 6.53
N PHE B 139 -12.36 -14.54 6.50
CA PHE B 139 -13.14 -14.41 7.72
C PHE B 139 -13.66 -15.80 8.08
N TRP B 140 -13.97 -15.98 9.36
CA TRP B 140 -14.51 -17.22 9.88
C TRP B 140 -15.64 -16.84 10.82
N LYS B 141 -16.59 -17.77 10.96
CA LYS B 141 -17.76 -17.54 11.75
C LYS B 141 -17.66 -18.15 13.13
N HIS B 142 -18.18 -17.42 14.12
CA HIS B 142 -18.23 -17.87 15.51
C HIS B 142 -19.46 -17.17 16.11
N TRP B 143 -19.96 -17.66 17.24
CA TRP B 143 -21.14 -17.04 17.87
C TRP B 143 -20.92 -16.67 19.33
N ILE B 144 -19.76 -16.08 19.59
CA ILE B 144 -19.38 -15.60 20.90
C ILE B 144 -19.75 -14.14 20.86
N GLN B 145 -20.58 -13.66 21.78
CA GLN B 145 -20.98 -12.25 21.75
C GLN B 145 -19.77 -11.35 21.77
N THR B 146 -19.74 -10.36 20.89
CA THR B 146 -18.62 -9.44 20.87
C THR B 146 -19.19 -8.05 20.73
N LYS B 147 -18.58 -7.05 21.36
CA LYS B 147 -19.13 -5.73 21.24
C LYS B 147 -18.20 -4.79 20.49
N ASP B 148 -18.74 -3.71 19.93
CA ASP B 148 -17.88 -2.79 19.19
C ASP B 148 -16.65 -2.43 20.04
N GLY B 149 -15.51 -2.23 19.40
CA GLY B 149 -14.30 -1.92 20.14
C GLY B 149 -13.56 -3.16 20.58
N GLN B 150 -14.18 -4.32 20.39
CA GLN B 150 -13.58 -5.60 20.77
C GLN B 150 -12.85 -6.35 19.67
N ALA B 151 -12.73 -5.72 18.51
CA ALA B 151 -12.01 -6.32 17.40
C ALA B 151 -10.58 -6.41 17.83
N GLY B 152 -9.80 -7.31 17.23
CA GLY B 152 -8.40 -7.42 17.58
C GLY B 152 -8.14 -8.39 18.70
N SER B 153 -9.22 -8.90 19.27
CA SER B 153 -9.14 -9.83 20.37
C SER B 153 -8.81 -11.18 19.77
N PRO B 154 -8.04 -11.99 20.50
CA PRO B 154 -7.67 -13.32 20.02
C PRO B 154 -8.72 -14.37 20.15
N LEU B 155 -8.79 -15.26 19.16
CA LEU B 155 -9.70 -16.39 19.22
C LEU B 155 -8.74 -17.54 19.42
N VAL B 156 -8.91 -18.23 20.54
CA VAL B 156 -8.02 -19.31 20.94
C VAL B 156 -8.60 -20.70 20.86
N SER B 157 -7.81 -21.58 20.25
CA SER B 157 -8.17 -22.98 20.08
C SER B 157 -8.16 -23.68 21.41
N THR B 158 -9.33 -24.16 21.81
CA THR B 158 -9.50 -24.86 23.06
C THR B 158 -8.70 -26.15 23.02
N ARG B 159 -8.46 -26.61 21.80
CA ARG B 159 -7.72 -27.84 21.54
C ARG B 159 -6.26 -27.76 21.96
N ASP B 160 -5.50 -26.88 21.33
CA ASP B 160 -4.07 -26.72 21.61
C ASP B 160 -3.65 -25.44 22.30
N GLY B 161 -4.48 -24.40 22.24
CA GLY B 161 -4.13 -23.15 22.90
C GLY B 161 -3.51 -22.10 22.00
N PHE B 162 -3.54 -22.36 20.69
CA PHE B 162 -2.99 -21.42 19.72
C PHE B 162 -4.03 -20.35 19.44
N ILE B 163 -3.58 -19.22 18.91
CA ILE B 163 -4.47 -18.14 18.53
C ILE B 163 -4.71 -18.48 17.09
N VAL B 164 -5.96 -18.52 16.65
CA VAL B 164 -6.26 -18.87 15.26
C VAL B 164 -6.91 -17.72 14.50
N GLY B 165 -6.72 -16.49 14.95
CA GLY B 165 -7.32 -15.38 14.25
C GLY B 165 -7.75 -14.31 15.22
N ILE B 166 -8.04 -13.11 14.71
CA ILE B 166 -8.46 -12.02 15.57
C ILE B 166 -9.87 -11.57 15.21
N HIS B 167 -10.74 -11.45 16.21
CA HIS B 167 -12.10 -11.01 15.98
C HIS B 167 -12.05 -9.73 15.16
N SER B 168 -12.88 -9.64 14.12
CA SER B 168 -12.89 -8.45 13.24
C SER B 168 -14.19 -7.73 12.98
N ALA B 169 -15.15 -8.44 12.41
CA ALA B 169 -16.40 -7.79 12.06
C ALA B 169 -17.62 -8.55 12.53
N SER B 170 -18.76 -7.89 12.37
CA SER B 170 -20.03 -8.44 12.75
C SER B 170 -21.04 -8.05 11.69
N ASN B 171 -22.07 -8.88 11.51
CA ASN B 171 -23.11 -8.56 10.54
C ASN B 171 -23.90 -7.40 11.16
N PHE B 172 -24.90 -6.88 10.44
CA PHE B 172 -25.69 -5.73 10.89
C PHE B 172 -26.65 -5.86 12.05
N THR B 173 -27.28 -7.02 12.18
CA THR B 173 -28.22 -7.23 13.28
C THR B 173 -27.42 -7.58 14.53
N ASN B 174 -26.16 -7.95 14.30
CA ASN B 174 -25.25 -8.35 15.38
C ASN B 174 -25.57 -9.76 15.85
N THR B 175 -25.82 -10.68 14.92
CA THR B 175 -26.14 -12.05 15.29
C THR B 175 -25.24 -13.06 14.60
N ASN B 176 -24.23 -12.55 13.92
CA ASN B 176 -23.22 -13.36 13.23
C ASN B 176 -21.92 -12.62 13.45
N ASN B 177 -20.89 -13.33 13.91
CA ASN B 177 -19.62 -12.68 14.14
C ASN B 177 -18.50 -13.35 13.37
N TYR B 178 -17.61 -12.52 12.82
CA TYR B 178 -16.51 -13.01 12.00
C TYR B 178 -15.13 -12.51 12.42
N PHE B 179 -14.16 -13.40 12.36
CA PHE B 179 -12.81 -13.01 12.73
C PHE B 179 -11.82 -13.29 11.63
N THR B 180 -10.84 -12.41 11.46
CA THR B 180 -9.83 -12.63 10.47
C THR B 180 -8.95 -13.78 10.94
N SER B 181 -8.79 -14.78 10.09
CA SER B 181 -7.97 -15.95 10.38
C SER B 181 -6.46 -15.69 10.36
N VAL B 182 -5.71 -16.53 11.05
CA VAL B 182 -4.27 -16.39 11.02
C VAL B 182 -3.95 -16.77 9.60
N PRO B 183 -2.89 -16.20 9.01
CA PRO B 183 -2.58 -16.54 7.64
C PRO B 183 -1.50 -17.63 7.67
N LYS B 184 -1.36 -18.35 6.56
CA LYS B 184 -0.38 -19.40 6.47
C LYS B 184 1.02 -18.84 6.71
N ASN B 185 1.86 -19.65 7.36
CA ASN B 185 3.25 -19.27 7.64
C ASN B 185 3.33 -17.94 8.38
N PHE B 186 2.33 -17.67 9.21
CA PHE B 186 2.31 -16.42 9.95
C PHE B 186 3.47 -16.34 10.95
N MET B 187 3.68 -17.44 11.67
CA MET B 187 4.75 -17.49 12.66
C MET B 187 6.06 -17.15 11.99
N GLU B 188 6.33 -17.80 10.86
CA GLU B 188 7.54 -17.55 10.09
C GLU B 188 7.74 -16.04 9.89
N LEU B 189 6.66 -15.39 9.49
CA LEU B 189 6.61 -13.96 9.23
C LEU B 189 6.97 -13.10 10.44
N LEU B 190 6.77 -13.63 11.63
CA LEU B 190 7.03 -12.89 12.85
C LEU B 190 8.47 -12.93 13.34
N THR B 191 9.22 -13.95 12.93
CA THR B 191 10.60 -14.07 13.35
C THR B 191 11.58 -13.68 12.26
N ASN B 192 11.30 -14.08 11.02
CA ASN B 192 12.19 -13.75 9.90
C ASN B 192 11.93 -12.35 9.34
N GLN B 193 12.69 -11.37 9.81
CA GLN B 193 12.55 -9.99 9.31
C GLN B 193 12.98 -9.85 7.84
N GLU B 194 12.38 -10.66 6.98
CA GLU B 194 12.68 -10.66 5.56
C GLU B 194 11.39 -10.68 4.78
N ALA B 195 10.44 -11.52 5.21
CA ALA B 195 9.13 -11.61 4.56
C ALA B 195 8.32 -10.40 5.02
N GLN B 196 8.91 -9.62 5.91
CA GLN B 196 8.27 -8.42 6.41
C GLN B 196 8.48 -7.34 5.37
N GLN B 197 7.41 -6.72 4.91
CA GLN B 197 7.48 -5.68 3.90
C GLN B 197 6.94 -4.39 4.50
N TRP B 198 7.78 -3.72 5.28
CA TRP B 198 7.40 -2.48 5.94
C TRP B 198 7.13 -1.26 5.07
N VAL B 199 6.21 -0.43 5.54
CA VAL B 199 5.83 0.83 4.92
C VAL B 199 5.37 1.64 6.12
N SER B 200 5.07 2.92 5.95
CA SER B 200 4.60 3.70 7.06
C SER B 200 3.67 4.81 6.57
N GLY B 201 2.73 5.20 7.41
CA GLY B 201 1.79 6.23 7.04
C GLY B 201 0.59 5.68 6.29
N TRP B 202 0.57 4.37 6.07
CA TRP B 202 -0.53 3.79 5.35
C TRP B 202 -1.81 4.01 6.11
N ARG B 203 -2.92 4.04 5.37
CA ARG B 203 -4.24 4.23 5.94
C ARG B 203 -5.23 3.65 4.96
N LEU B 204 -6.47 3.48 5.41
CA LEU B 204 -7.51 3.02 4.52
C LEU B 204 -8.30 4.30 4.34
N ASN B 205 -8.33 4.90 3.15
CA ASN B 205 -9.12 6.11 3.01
C ASN B 205 -10.36 5.90 2.15
N ALA B 206 -11.17 4.96 2.63
CA ALA B 206 -12.41 4.58 2.01
C ALA B 206 -13.34 4.33 3.19
N ASP B 207 -14.65 4.39 2.99
CA ASP B 207 -15.57 4.14 4.10
C ASP B 207 -16.02 2.71 4.08
N SER B 208 -15.36 1.90 3.26
CA SER B 208 -15.74 0.50 3.11
C SER B 208 -14.67 -0.22 2.28
N VAL B 209 -14.67 -1.55 2.32
CA VAL B 209 -13.69 -2.33 1.57
C VAL B 209 -14.09 -3.79 1.46
N LEU B 210 -13.64 -4.44 0.39
CA LEU B 210 -13.96 -5.85 0.18
C LEU B 210 -12.88 -6.78 0.70
N TRP B 211 -13.28 -7.72 1.57
CA TRP B 211 -12.34 -8.69 2.14
C TRP B 211 -12.97 -10.07 2.12
N GLY B 212 -12.11 -11.09 2.09
CA GLY B 212 -12.54 -12.48 2.08
C GLY B 212 -13.93 -12.78 1.57
N GLY B 213 -14.44 -11.95 0.66
CA GLY B 213 -15.76 -12.19 0.12
C GLY B 213 -16.85 -11.23 0.55
N HIS B 214 -16.72 -10.58 1.70
CA HIS B 214 -17.78 -9.68 2.13
C HIS B 214 -17.41 -8.22 2.05
N LYS B 215 -18.43 -7.37 2.04
CA LYS B 215 -18.21 -5.94 2.02
C LYS B 215 -18.10 -5.55 3.48
N VAL B 216 -17.16 -4.66 3.80
CA VAL B 216 -16.95 -4.23 5.16
C VAL B 216 -17.00 -2.71 5.29
N PHE B 217 -17.85 -2.24 6.19
CA PHE B 217 -17.99 -0.80 6.45
C PHE B 217 -17.29 -0.53 7.76
N MET B 218 -16.57 0.57 7.86
CA MET B 218 -15.86 0.87 9.09
C MET B 218 -16.80 1.10 10.25
N SER B 219 -18.11 1.06 9.97
CA SER B 219 -19.13 1.28 11.00
C SER B 219 -20.52 0.91 10.51
N LYS B 220 -21.38 0.52 11.44
CA LYS B 220 -22.77 0.16 11.12
C LYS B 220 -23.41 1.41 10.52
N PRO B 221 -24.18 1.25 9.43
CA PRO B 221 -24.86 2.38 8.75
C PRO B 221 -25.97 3.09 9.54
N MET B 235 -23.35 -13.21 -3.33
CA MET B 235 -22.33 -13.60 -2.35
C MET B 235 -22.83 -13.40 -0.91
N ASN B 236 -21.89 -13.44 0.04
CA ASN B 236 -22.14 -13.32 1.49
C ASN B 236 -22.69 -12.01 2.04
N GLU B 237 -23.10 -12.02 3.31
CA GLU B 237 -23.71 -10.85 3.96
C GLU B 237 -22.80 -9.69 4.38
N LEU B 238 -23.36 -8.48 4.28
CA LEU B 238 -22.64 -7.27 4.66
C LEU B 238 -22.16 -7.44 6.11
N VAL B 239 -21.18 -6.64 6.49
CA VAL B 239 -20.62 -6.66 7.85
C VAL B 239 -19.95 -5.34 8.13
N TYR B 240 -19.74 -5.08 9.42
CA TYR B 240 -19.07 -3.85 9.82
C TYR B 240 -17.97 -4.24 10.80
N SER B 241 -16.91 -3.45 10.81
CA SER B 241 -15.77 -3.69 11.69
C SER B 241 -16.09 -3.23 13.09
N GLN B 242 -15.82 -4.07 14.07
CA GLN B 242 -16.07 -3.69 15.46
C GLN B 242 -14.77 -3.17 16.11
#